data_6YMF
#
_entry.id   6YMF
#
_cell.length_a   93.888
_cell.length_b   93.888
_cell.length_c   134.683
_cell.angle_alpha   90.000
_cell.angle_beta   90.000
_cell.angle_gamma   120.000
#
_symmetry.space_group_name_H-M   'P 31 2 1'
#
loop_
_entity.id
_entity.type
_entity.pdbx_description
1 polymer 'Serine hydroxymethyltransferase'
2 non-polymer GLYCEROL
3 non-polymer [3-HYDROXY-2-METHYL-5-PHOSPHONOOXYMETHYL-PYRIDIN-4-YLMETHYL]-SERINE
4 non-polymer 'PENTAETHYLENE GLYCOL'
5 water water
#
_entity_poly.entity_id   1
_entity_poly.type   'polypeptide(L)'
_entity_poly.pdbx_seq_one_letter_code
;MGSSHHHHHHSSGLVPRGSHMTQTNLDFLLQTDPTISGMMQKELQRQREHLELIASENFTSPAVMATQGSVLTNKYAEGL
PKKRYYGGCEFIDEIEQVAIDRAKELFGAASANVQPHSGAQANFAVFLTLLKPGDKIMGMDLSHGGHLTHGSPANVSGKW
FEAVHYGVSQETEQLDYDHILEVARQERPKLIICGYSAYPRIINFEKFRAIADEVGAYLLADIAHIAGLVASGHHPNPVP
HCDVVTTTTHKTLRGPRGGLILTRDPELGKKFNKSVFPGTQGGPLEHVIAGKAVAFGEALKPEFKAYSGQVIANAQAMAQ
QLQNRGFKIVSGGTDNHLMLVDLRSVNLTGKQADQLVSDVNITANKNTVPFDPESPFVTSGLRLGSPAMTTRGLGTEDFA
EIANIIADRLQNPEDEQVKQACVQRVAALCERFPLYPHLNAPVPAMA
;
_entity_poly.pdbx_strand_id   A
#
# COMPACT_ATOMS: atom_id res chain seq x y z
N GLN A 23 13.69 32.60 -11.67
CA GLN A 23 12.35 32.46 -10.97
C GLN A 23 11.81 31.01 -11.15
N THR A 24 11.42 30.39 -10.03
CA THR A 24 10.95 28.99 -9.96
C THR A 24 9.42 28.95 -9.70
N ASN A 25 8.82 27.79 -9.93
CA ASN A 25 7.42 27.60 -9.60
C ASN A 25 7.20 27.83 -8.10
N LEU A 26 8.13 27.37 -7.24
CA LEU A 26 7.95 27.57 -5.76
C LEU A 26 7.99 29.05 -5.40
N ASP A 27 8.82 29.84 -6.09
CA ASP A 27 8.87 31.30 -5.90
C ASP A 27 7.49 31.91 -6.22
N PHE A 28 6.89 31.47 -7.33
CA PHE A 28 5.52 31.96 -7.73
C PHE A 28 4.51 31.56 -6.66
N LEU A 29 4.62 30.34 -6.10
CA LEU A 29 3.71 29.93 -5.04
C LEU A 29 3.86 30.83 -3.79
N LEU A 30 5.09 31.11 -3.40
CA LEU A 30 5.33 31.94 -2.21
C LEU A 30 4.74 33.34 -2.44
N GLN A 31 4.96 33.86 -3.64
CA GLN A 31 4.54 35.25 -3.97
C GLN A 31 3.01 35.31 -4.02
N THR A 32 2.36 34.31 -4.58
CA THR A 32 0.93 34.43 -4.87
C THR A 32 0.01 33.76 -3.82
N ASP A 33 0.55 32.81 -3.02
CA ASP A 33 -0.27 32.13 -2.02
C ASP A 33 0.59 31.77 -0.82
N PRO A 34 0.97 32.78 -0.03
CA PRO A 34 1.82 32.56 1.15
C PRO A 34 1.14 31.62 2.15
N THR A 35 -0.20 31.59 2.22
CA THR A 35 -0.90 30.73 3.15
C THR A 35 -0.61 29.26 2.80
N ILE A 36 -0.83 28.88 1.54
CA ILE A 36 -0.59 27.50 1.13
C ILE A 36 0.90 27.19 1.18
N SER A 37 1.74 28.14 0.74
CA SER A 37 3.18 27.99 0.77
C SER A 37 3.64 27.63 2.20
N GLY A 38 3.16 28.35 3.20
CA GLY A 38 3.55 28.12 4.55
C GLY A 38 3.09 26.79 5.10
N MET A 39 1.86 26.39 4.78
CA MET A 39 1.33 25.11 5.24
C MET A 39 2.13 23.96 4.60
N MET A 40 2.55 24.12 3.34
CA MET A 40 3.40 23.13 2.67
C MET A 40 4.76 22.97 3.33
N GLN A 41 5.36 24.07 3.75
CA GLN A 41 6.62 24.07 4.44
C GLN A 41 6.43 23.34 5.78
N LYS A 42 5.30 23.55 6.47
CA LYS A 42 5.05 22.87 7.75
C LYS A 42 4.94 21.35 7.53
N GLU A 43 4.32 20.93 6.44
CA GLU A 43 4.17 19.51 6.14
C GLU A 43 5.54 18.87 5.89
N LEU A 44 6.44 19.55 5.22
CA LEU A 44 7.80 19.03 5.01
C LEU A 44 8.50 18.86 6.37
N GLN A 45 8.37 19.87 7.26
CA GLN A 45 8.96 19.82 8.59
C GLN A 45 8.34 18.61 9.32
N ARG A 46 7.03 18.45 9.21
CA ARG A 46 6.35 17.39 9.89
C ARG A 46 6.91 16.03 9.43
N GLN A 47 7.02 15.82 8.12
CA GLN A 47 7.57 14.55 7.58
C GLN A 47 8.98 14.32 8.11
N ARG A 48 9.75 15.39 8.20
CA ARG A 48 11.13 15.27 8.70
C ARG A 48 11.18 14.85 10.18
N GLU A 49 10.26 15.33 11.02
CA GLU A 49 10.41 15.32 12.47
C GLU A 49 9.51 14.28 13.14
N HIS A 50 8.91 13.37 12.40
CA HIS A 50 8.11 12.25 12.97
C HIS A 50 8.68 10.93 12.46
N LEU A 51 8.50 9.87 13.25
CA LEU A 51 8.68 8.52 12.69
C LEU A 51 7.42 8.15 11.96
N GLU A 52 7.54 8.02 10.64
CA GLU A 52 6.43 7.67 9.81
CA GLU A 52 6.40 7.70 9.78
C GLU A 52 6.34 6.15 9.70
N LEU A 53 5.45 5.54 10.49
CA LEU A 53 5.31 4.08 10.56
C LEU A 53 3.99 3.60 9.97
N ILE A 54 3.20 4.51 9.35
CA ILE A 54 2.05 4.05 8.63
C ILE A 54 2.52 3.08 7.52
N ALA A 55 1.97 1.88 7.50
CA ALA A 55 2.55 0.81 6.67
C ALA A 55 2.36 1.04 5.16
N SER A 56 1.32 1.87 4.81
CA SER A 56 1.00 2.19 3.46
C SER A 56 1.71 3.48 2.99
N GLU A 57 2.55 4.12 3.79
CA GLU A 57 3.23 5.32 3.39
C GLU A 57 4.67 5.07 2.97
N ASN A 58 5.22 6.00 2.22
CA ASN A 58 6.58 6.01 1.80
C ASN A 58 7.02 7.45 1.54
N PHE A 59 8.27 7.61 1.17
CA PHE A 59 8.83 8.89 0.74
C PHE A 59 9.27 8.75 -0.70
N THR A 60 8.49 9.35 -1.66
CA THR A 60 8.82 9.19 -3.05
C THR A 60 10.00 10.14 -3.40
N SER A 61 10.65 9.85 -4.53
CA SER A 61 11.89 10.50 -4.87
C SER A 61 11.67 11.94 -5.34
N PRO A 62 12.72 12.75 -5.26
CA PRO A 62 12.75 14.06 -5.93
C PRO A 62 12.38 13.99 -7.40
N ALA A 63 12.88 12.95 -8.09
CA ALA A 63 12.58 12.78 -9.51
C ALA A 63 11.07 12.58 -9.73
N VAL A 64 10.44 11.72 -8.93
CA VAL A 64 9.02 11.49 -9.05
C VAL A 64 8.30 12.84 -8.81
N MET A 65 8.68 13.54 -7.78
CA MET A 65 7.96 14.81 -7.43
C MET A 65 8.14 15.82 -8.58
N ALA A 66 9.29 15.83 -9.26
CA ALA A 66 9.48 16.73 -10.37
C ALA A 66 8.48 16.44 -11.49
N THR A 67 8.19 15.18 -11.78
CA THR A 67 7.22 14.84 -12.83
C THR A 67 5.85 15.35 -12.42
N GLN A 68 5.49 15.22 -11.16
CA GLN A 68 4.15 15.61 -10.68
C GLN A 68 3.99 17.14 -10.77
N GLY A 69 5.08 17.85 -10.63
CA GLY A 69 5.11 19.33 -10.70
C GLY A 69 5.26 19.89 -12.12
N SER A 70 5.08 19.07 -13.16
CA SER A 70 5.41 19.42 -14.52
C SER A 70 4.19 19.95 -15.27
N VAL A 71 4.47 20.40 -16.50
CA VAL A 71 3.40 20.88 -17.42
C VAL A 71 2.55 19.75 -17.98
N LEU A 72 2.90 18.47 -17.68
CA LEU A 72 2.10 17.35 -18.16
CA LEU A 72 2.09 17.37 -18.19
C LEU A 72 0.69 17.40 -17.59
N THR A 73 0.48 18.13 -16.48
CA THR A 73 -0.85 18.35 -15.94
C THR A 73 -1.81 18.97 -16.97
N ASN A 74 -1.26 19.69 -17.95
CA ASN A 74 -2.09 20.45 -18.91
C ASN A 74 -2.66 19.60 -20.04
N LYS A 75 -2.35 18.33 -20.14
CA LYS A 75 -2.81 17.58 -21.34
C LYS A 75 -3.98 16.63 -21.12
N TYR A 76 -5.03 16.78 -21.97
CA TYR A 76 -6.17 15.82 -22.07
C TYR A 76 -5.73 14.69 -22.98
N ALA A 77 -5.81 13.46 -22.50
CA ALA A 77 -5.29 12.35 -23.27
C ALA A 77 -6.16 11.12 -23.10
N GLU A 78 -7.47 11.31 -23.15
CA GLU A 78 -8.38 10.14 -23.19
C GLU A 78 -8.00 9.18 -24.33
N GLY A 79 -8.04 7.89 -23.98
CA GLY A 79 -7.69 6.82 -24.91
C GLY A 79 -6.43 6.11 -24.45
N LEU A 80 -5.64 5.64 -25.43
CA LEU A 80 -4.40 4.91 -25.15
C LEU A 80 -3.33 5.49 -26.08
N PRO A 81 -2.03 5.26 -25.81
CA PRO A 81 -0.98 5.69 -26.74
C PRO A 81 -1.32 5.32 -28.20
N LYS A 82 -1.20 6.31 -29.09
CA LYS A 82 -1.42 6.18 -30.53
C LYS A 82 -2.91 5.97 -30.87
N LYS A 83 -3.81 6.01 -29.89
CA LYS A 83 -5.27 5.76 -30.07
C LYS A 83 -6.01 6.72 -29.13
N ARG A 84 -5.75 8.00 -29.30
CA ARG A 84 -6.32 9.05 -28.42
C ARG A 84 -7.52 9.74 -29.05
N TYR A 85 -8.33 10.37 -28.19
CA TYR A 85 -9.50 11.15 -28.59
C TYR A 85 -9.22 12.66 -28.73
N TYR A 86 -7.96 13.06 -28.64
CA TYR A 86 -7.50 14.45 -28.75
C TYR A 86 -6.21 14.49 -29.56
N GLY A 87 -6.05 15.63 -30.26
CA GLY A 87 -4.78 16.01 -30.84
C GLY A 87 -3.72 16.26 -29.78
N GLY A 88 -2.46 16.26 -30.25
CA GLY A 88 -1.34 16.79 -29.49
C GLY A 88 -0.73 15.83 -28.45
N CYS A 89 -1.06 14.55 -28.53
CA CYS A 89 -0.57 13.60 -27.50
C CYS A 89 0.74 12.90 -27.86
N GLU A 90 1.49 13.38 -28.84
CA GLU A 90 2.71 12.64 -29.27
C GLU A 90 3.70 12.36 -28.12
N PHE A 91 3.90 13.29 -27.20
CA PHE A 91 4.91 13.16 -26.15
C PHE A 91 4.28 12.44 -24.95
N ILE A 92 3.01 12.73 -24.71
CA ILE A 92 2.27 12.04 -23.69
C ILE A 92 2.28 10.53 -24.01
N ASP A 93 2.09 10.19 -25.29
CA ASP A 93 2.09 8.81 -25.75
C ASP A 93 3.44 8.19 -25.44
N GLU A 94 4.54 8.93 -25.70
CA GLU A 94 5.88 8.36 -25.47
C GLU A 94 6.07 8.08 -23.97
N ILE A 95 5.63 9.01 -23.12
CA ILE A 95 5.76 8.86 -21.67
C ILE A 95 4.88 7.72 -21.14
N GLU A 96 3.61 7.68 -21.54
CA GLU A 96 2.73 6.64 -21.03
C GLU A 96 3.25 5.28 -21.52
N GLN A 97 3.74 5.22 -22.74
CA GLN A 97 4.29 3.96 -23.27
C GLN A 97 5.55 3.52 -22.47
N VAL A 98 6.42 4.46 -22.08
CA VAL A 98 7.51 4.11 -21.15
C VAL A 98 6.97 3.56 -19.84
N ALA A 99 5.96 4.19 -19.25
CA ALA A 99 5.35 3.71 -18.00
C ALA A 99 4.85 2.26 -18.18
N ILE A 100 4.08 2.04 -19.25
CA ILE A 100 3.53 0.73 -19.56
C ILE A 100 4.68 -0.30 -19.70
N ASP A 101 5.70 0.04 -20.49
CA ASP A 101 6.75 -0.92 -20.82
C ASP A 101 7.56 -1.24 -19.56
N ARG A 102 7.83 -0.24 -18.73
CA ARG A 102 8.58 -0.47 -17.49
C ARG A 102 7.73 -1.27 -16.49
N ALA A 103 6.40 -1.09 -16.48
CA ALA A 103 5.52 -1.88 -15.60
C ALA A 103 5.56 -3.35 -16.06
N LYS A 104 5.47 -3.58 -17.37
CA LYS A 104 5.46 -4.94 -17.93
C LYS A 104 6.82 -5.61 -17.62
N GLU A 105 7.92 -4.85 -17.72
CA GLU A 105 9.26 -5.34 -17.35
C GLU A 105 9.32 -5.70 -15.85
N LEU A 106 8.96 -4.74 -14.99
CA LEU A 106 9.09 -4.88 -13.57
C LEU A 106 8.25 -6.05 -13.01
N PHE A 107 7.04 -6.27 -13.54
CA PHE A 107 6.17 -7.26 -12.98
C PHE A 107 6.06 -8.51 -13.87
N GLY A 108 6.81 -8.57 -14.98
CA GLY A 108 6.73 -9.69 -15.91
C GLY A 108 5.33 -9.93 -16.47
N ALA A 109 4.69 -8.82 -16.87
CA ALA A 109 3.29 -8.81 -17.27
C ALA A 109 3.18 -8.56 -18.79
N ALA A 110 2.23 -9.25 -19.42
CA ALA A 110 1.96 -9.13 -20.85
C ALA A 110 1.17 -7.83 -21.15
N SER A 111 0.51 -7.31 -20.12
CA SER A 111 -0.36 -6.14 -20.28
C SER A 111 -0.28 -5.29 -19.01
N ALA A 112 -0.32 -3.96 -19.19
CA ALA A 112 -0.41 -3.06 -18.12
C ALA A 112 -1.24 -1.83 -18.52
N ASN A 113 -2.08 -1.36 -17.61
CA ASN A 113 -2.77 -0.08 -17.76
C ASN A 113 -2.33 0.80 -16.58
N VAL A 114 -1.65 1.91 -16.91
CA VAL A 114 -1.06 2.83 -15.96
C VAL A 114 -1.96 4.05 -15.67
N GLN A 115 -3.18 4.05 -16.21
CA GLN A 115 -4.07 5.18 -16.03
C GLN A 115 -4.90 5.22 -14.75
N PRO A 116 -5.19 4.11 -13.99
CA PRO A 116 -6.06 4.23 -12.84
C PRO A 116 -5.60 5.33 -11.87
N HIS A 117 -6.54 6.18 -11.42
CA HIS A 117 -6.16 7.28 -10.57
C HIS A 117 -5.75 6.84 -9.16
N SER A 118 -6.12 5.61 -8.78
CA SER A 118 -5.95 5.14 -7.44
C SER A 118 -6.08 3.61 -7.45
N GLY A 119 -5.76 2.99 -6.31
CA GLY A 119 -6.08 1.55 -6.16
C GLY A 119 -7.56 1.26 -6.22
N ALA A 120 -8.39 2.15 -5.61
CA ALA A 120 -9.82 1.97 -5.62
C ALA A 120 -10.34 1.95 -7.07
N GLN A 121 -9.83 2.88 -7.90
CA GLN A 121 -10.29 2.98 -9.30
C GLN A 121 -9.78 1.81 -10.15
N ALA A 122 -8.56 1.32 -9.85
CA ALA A 122 -8.06 0.12 -10.54
C ALA A 122 -9.00 -1.06 -10.26
N ASN A 123 -9.32 -1.23 -8.98
CA ASN A 123 -10.21 -2.34 -8.56
C ASN A 123 -11.61 -2.18 -9.19
N PHE A 124 -12.13 -0.93 -9.19
CA PHE A 124 -13.45 -0.73 -9.77
C PHE A 124 -13.47 -1.10 -11.25
N ALA A 125 -12.44 -0.68 -12.01
CA ALA A 125 -12.38 -1.00 -13.43
C ALA A 125 -12.39 -2.52 -13.65
N VAL A 126 -11.67 -3.25 -12.78
CA VAL A 126 -11.71 -4.73 -12.86
C VAL A 126 -13.14 -5.27 -12.63
N PHE A 127 -13.83 -4.74 -11.61
CA PHE A 127 -15.19 -5.16 -11.32
C PHE A 127 -16.14 -4.89 -12.51
N LEU A 128 -15.97 -3.71 -13.12
CA LEU A 128 -16.81 -3.33 -14.27
C LEU A 128 -16.60 -4.30 -15.44
N THR A 129 -15.37 -4.87 -15.56
CA THR A 129 -15.04 -5.78 -16.61
C THR A 129 -15.62 -7.16 -16.35
N LEU A 130 -15.51 -7.64 -15.11
CA LEU A 130 -15.75 -9.05 -14.87
C LEU A 130 -17.16 -9.29 -14.31
N LEU A 131 -17.79 -8.29 -13.72
CA LEU A 131 -19.01 -8.51 -12.91
C LEU A 131 -20.17 -7.63 -13.39
N LYS A 132 -21.35 -7.98 -12.90
CA LYS A 132 -22.50 -7.11 -12.98
C LYS A 132 -23.02 -6.90 -11.56
N PRO A 133 -23.74 -5.79 -11.30
CA PRO A 133 -24.25 -5.53 -9.96
C PRO A 133 -25.02 -6.75 -9.48
N GLY A 134 -24.83 -7.09 -8.20
CA GLY A 134 -25.50 -8.23 -7.60
C GLY A 134 -24.65 -9.50 -7.57
N ASP A 135 -23.58 -9.51 -8.38
CA ASP A 135 -22.70 -10.70 -8.48
C ASP A 135 -21.97 -10.88 -7.15
N LYS A 136 -21.52 -12.10 -6.89
CA LYS A 136 -20.89 -12.45 -5.60
C LYS A 136 -19.36 -12.36 -5.69
N ILE A 137 -18.77 -11.68 -4.72
CA ILE A 137 -17.32 -11.55 -4.62
C ILE A 137 -16.89 -12.14 -3.28
N MET A 138 -15.67 -12.65 -3.23
CA MET A 138 -15.17 -13.23 -2.00
C MET A 138 -13.78 -12.66 -1.75
N GLY A 139 -13.60 -11.97 -0.62
CA GLY A 139 -12.34 -11.41 -0.24
C GLY A 139 -12.04 -11.65 1.23
N MET A 140 -10.92 -11.15 1.70
CA MET A 140 -10.56 -11.26 3.11
CA MET A 140 -10.60 -11.31 3.11
C MET A 140 -11.46 -10.34 3.93
N ASP A 141 -11.90 -10.83 5.09
CA ASP A 141 -12.74 -10.08 6.06
C ASP A 141 -12.05 -8.75 6.28
N LEU A 142 -12.79 -7.64 6.35
CA LEU A 142 -12.14 -6.33 6.51
C LEU A 142 -11.39 -6.32 7.85
N SER A 143 -12.03 -6.89 8.88
CA SER A 143 -11.43 -6.92 10.23
C SER A 143 -10.22 -7.85 10.24
N HIS A 144 -10.09 -8.73 9.23
CA HIS A 144 -8.90 -9.61 9.21
C HIS A 144 -7.83 -9.05 8.26
N GLY A 145 -8.00 -7.87 7.63
CA GLY A 145 -6.93 -7.38 6.81
C GLY A 145 -7.37 -7.13 5.39
N GLY A 146 -8.61 -7.44 5.04
CA GLY A 146 -9.12 -7.11 3.71
C GLY A 146 -9.37 -5.60 3.55
N HIS A 147 -9.46 -5.16 2.30
CA HIS A 147 -9.59 -3.74 1.97
C HIS A 147 -11.06 -3.38 1.84
N LEU A 148 -11.39 -2.06 2.03
CA LEU A 148 -12.76 -1.55 1.80
C LEU A 148 -13.29 -1.98 0.41
N THR A 149 -12.43 -1.96 -0.60
CA THR A 149 -12.84 -2.18 -2.00
C THR A 149 -13.01 -3.68 -2.29
N HIS A 150 -12.83 -4.54 -1.26
CA HIS A 150 -13.00 -5.96 -1.42
C HIS A 150 -14.28 -6.45 -0.75
N GLY A 151 -15.30 -5.57 -0.65
CA GLY A 151 -16.66 -5.95 -0.23
C GLY A 151 -17.16 -5.32 1.10
N SER A 152 -16.61 -4.18 1.52
CA SER A 152 -17.16 -3.43 2.65
C SER A 152 -18.57 -2.96 2.29
N PRO A 153 -19.56 -3.07 3.21
CA PRO A 153 -20.90 -2.54 2.94
C PRO A 153 -20.93 -1.00 2.82
N ALA A 154 -19.87 -0.29 3.23
CA ALA A 154 -19.81 1.19 3.08
C ALA A 154 -19.12 1.57 1.76
N ASN A 155 -18.61 0.59 1.02
CA ASN A 155 -17.94 0.81 -0.25
C ASN A 155 -18.83 0.28 -1.38
N VAL A 156 -18.65 0.82 -2.60
CA VAL A 156 -19.44 0.32 -3.72
C VAL A 156 -19.31 -1.21 -3.86
N SER A 157 -18.12 -1.72 -3.54
CA SER A 157 -17.84 -3.19 -3.69
C SER A 157 -18.78 -4.06 -2.84
N GLY A 158 -19.23 -3.56 -1.67
CA GLY A 158 -20.22 -4.31 -0.87
C GLY A 158 -21.64 -3.77 -0.98
N LYS A 159 -21.79 -2.51 -1.45
CA LYS A 159 -23.13 -1.92 -1.64
C LYS A 159 -23.82 -2.51 -2.86
N TRP A 160 -23.08 -2.68 -3.97
CA TRP A 160 -23.70 -3.08 -5.24
C TRP A 160 -23.36 -4.52 -5.66
N PHE A 161 -22.58 -5.22 -4.83
CA PHE A 161 -22.23 -6.63 -5.08
C PHE A 161 -22.49 -7.37 -3.78
N GLU A 162 -22.69 -8.69 -3.90
CA GLU A 162 -22.85 -9.59 -2.71
C GLU A 162 -21.44 -10.06 -2.28
N ALA A 163 -20.96 -9.49 -1.17
CA ALA A 163 -19.63 -9.74 -0.67
C ALA A 163 -19.68 -10.80 0.44
N VAL A 164 -18.90 -11.85 0.25
CA VAL A 164 -18.64 -12.83 1.27
C VAL A 164 -17.14 -12.80 1.59
N HIS A 165 -16.76 -13.33 2.74
CA HIS A 165 -15.42 -13.11 3.25
C HIS A 165 -14.83 -14.40 3.72
N TYR A 166 -13.49 -14.50 3.65
CA TYR A 166 -12.76 -15.52 4.43
C TYR A 166 -11.85 -14.74 5.37
N GLY A 167 -11.38 -15.41 6.41
CA GLY A 167 -10.50 -14.83 7.36
C GLY A 167 -9.29 -15.73 7.55
N VAL A 168 -8.57 -15.47 8.61
CA VAL A 168 -7.41 -16.28 8.96
C VAL A 168 -7.83 -17.32 10.00
N SER A 169 -6.96 -18.30 10.20
CA SER A 169 -7.15 -19.32 11.22
C SER A 169 -7.04 -18.68 12.62
N GLN A 170 -7.96 -19.04 13.51
CA GLN A 170 -7.89 -18.54 14.90
C GLN A 170 -6.68 -19.16 15.59
N GLU A 171 -6.20 -20.30 15.09
CA GLU A 171 -5.02 -20.97 15.67
C GLU A 171 -3.73 -20.27 15.24
N THR A 172 -3.48 -20.16 13.93
CA THR A 172 -2.20 -19.69 13.38
C THR A 172 -2.23 -18.20 13.07
N GLU A 173 -3.44 -17.64 12.97
CA GLU A 173 -3.65 -16.25 12.52
C GLU A 173 -3.06 -16.01 11.13
N GLN A 174 -3.05 -17.05 10.31
CA GLN A 174 -2.79 -16.85 8.92
C GLN A 174 -3.75 -17.70 8.09
N LEU A 175 -3.67 -17.54 6.76
CA LEU A 175 -4.59 -18.17 5.89
C LEU A 175 -4.47 -19.68 6.04
N ASP A 176 -5.63 -20.33 6.02
CA ASP A 176 -5.76 -21.78 5.91
C ASP A 176 -6.46 -22.06 4.57
N TYR A 177 -5.67 -22.53 3.60
CA TYR A 177 -6.10 -22.64 2.22
C TYR A 177 -7.17 -23.72 2.11
N ASP A 178 -7.16 -24.76 2.96
CA ASP A 178 -8.25 -25.75 2.93
C ASP A 178 -9.56 -25.09 3.32
N HIS A 179 -9.51 -24.24 4.35
CA HIS A 179 -10.72 -23.57 4.78
C HIS A 179 -11.21 -22.60 3.69
N ILE A 180 -10.29 -21.91 3.00
CA ILE A 180 -10.69 -20.98 1.95
C ILE A 180 -11.41 -21.76 0.84
N LEU A 181 -10.89 -22.93 0.47
CA LEU A 181 -11.51 -23.75 -0.53
C LEU A 181 -12.93 -24.15 -0.09
N GLU A 182 -13.10 -24.52 1.18
CA GLU A 182 -14.41 -24.87 1.74
C GLU A 182 -15.39 -23.69 1.61
N VAL A 183 -14.93 -22.47 1.89
CA VAL A 183 -15.84 -21.30 1.81
C VAL A 183 -16.21 -21.03 0.34
N ALA A 184 -15.22 -21.13 -0.55
CA ALA A 184 -15.45 -20.92 -1.97
C ALA A 184 -16.47 -21.95 -2.50
N ARG A 185 -16.32 -23.21 -2.10
CA ARG A 185 -17.25 -24.27 -2.57
C ARG A 185 -18.68 -23.98 -2.09
N GLN A 186 -18.79 -23.54 -0.86
CA GLN A 186 -20.10 -23.24 -0.26
C GLN A 186 -20.72 -21.99 -0.87
N GLU A 187 -19.90 -20.98 -1.10
CA GLU A 187 -20.42 -19.65 -1.50
C GLU A 187 -20.50 -19.48 -3.02
N ARG A 188 -19.64 -20.16 -3.78
CA ARG A 188 -19.63 -20.09 -5.27
C ARG A 188 -19.53 -18.64 -5.73
N PRO A 189 -18.48 -17.89 -5.34
CA PRO A 189 -18.27 -16.53 -5.81
C PRO A 189 -17.87 -16.49 -7.28
N LYS A 190 -18.22 -15.35 -7.94
CA LYS A 190 -17.83 -15.11 -9.32
C LYS A 190 -16.37 -14.63 -9.37
N LEU A 191 -15.97 -13.92 -8.32
CA LEU A 191 -14.63 -13.35 -8.21
C LEU A 191 -14.10 -13.63 -6.82
N ILE A 192 -12.87 -14.18 -6.77
CA ILE A 192 -12.12 -14.27 -5.56
C ILE A 192 -11.01 -13.22 -5.60
N ILE A 193 -10.87 -12.52 -4.48
CA ILE A 193 -9.84 -11.53 -4.29
C ILE A 193 -8.87 -12.03 -3.20
N CYS A 194 -7.58 -11.90 -3.53
CA CYS A 194 -6.53 -12.09 -2.56
C CYS A 194 -5.65 -10.85 -2.57
N GLY A 195 -4.84 -10.68 -1.53
CA GLY A 195 -4.11 -9.45 -1.37
C GLY A 195 -4.86 -8.57 -0.41
N TYR A 196 -4.13 -7.90 0.47
CA TYR A 196 -4.72 -7.37 1.74
C TYR A 196 -4.03 -6.08 2.19
N SER A 197 -4.65 -5.42 3.15
CA SER A 197 -4.13 -4.17 3.73
C SER A 197 -3.35 -4.42 5.01
N ALA A 198 -3.53 -5.60 5.65
CA ALA A 198 -2.91 -5.78 6.93
C ALA A 198 -2.55 -7.26 7.14
N TYR A 199 -2.06 -7.92 6.10
CA TYR A 199 -1.71 -9.38 6.25
C TYR A 199 -0.21 -9.53 6.21
N PRO A 200 0.42 -10.07 7.29
CA PRO A 200 1.89 -10.05 7.40
C PRO A 200 2.64 -11.30 6.93
N ARG A 201 1.97 -12.21 6.24
CA ARG A 201 2.59 -13.41 5.74
C ARG A 201 2.50 -13.49 4.22
N ILE A 202 3.38 -14.34 3.67
CA ILE A 202 3.42 -14.63 2.25
C ILE A 202 2.09 -15.24 1.82
N ILE A 203 1.60 -14.76 0.67
CA ILE A 203 0.39 -15.26 0.05
C ILE A 203 0.77 -16.25 -1.04
N ASN A 204 0.12 -17.42 -1.01
CA ASN A 204 0.35 -18.45 -1.97
C ASN A 204 -0.65 -18.29 -3.12
N PHE A 205 -0.20 -17.66 -4.21
CA PHE A 205 -1.08 -17.40 -5.36
C PHE A 205 -1.40 -18.67 -6.15
N GLU A 206 -0.49 -19.66 -6.11
CA GLU A 206 -0.74 -20.95 -6.75
C GLU A 206 -1.94 -21.64 -6.10
N LYS A 207 -2.06 -21.57 -4.77
CA LYS A 207 -3.18 -22.19 -4.08
C LYS A 207 -4.46 -21.41 -4.40
N PHE A 208 -4.35 -20.08 -4.49
CA PHE A 208 -5.58 -19.30 -4.87
C PHE A 208 -6.04 -19.71 -6.27
N ARG A 209 -5.11 -19.92 -7.21
CA ARG A 209 -5.45 -20.37 -8.56
C ARG A 209 -6.16 -21.72 -8.48
N ALA A 210 -5.60 -22.65 -7.68
CA ALA A 210 -6.23 -23.97 -7.55
C ALA A 210 -7.70 -23.81 -7.06
N ILE A 211 -7.91 -22.94 -6.07
CA ILE A 211 -9.19 -22.77 -5.47
C ILE A 211 -10.15 -22.12 -6.49
N ALA A 212 -9.68 -21.08 -7.20
CA ALA A 212 -10.50 -20.42 -8.21
C ALA A 212 -10.89 -21.40 -9.30
N ASP A 213 -9.95 -22.21 -9.79
CA ASP A 213 -10.22 -23.18 -10.85
C ASP A 213 -11.29 -24.19 -10.39
N GLU A 214 -11.21 -24.57 -9.11
CA GLU A 214 -12.10 -25.59 -8.64
C GLU A 214 -13.56 -25.10 -8.58
N VAL A 215 -13.80 -23.81 -8.34
CA VAL A 215 -15.19 -23.29 -8.22
C VAL A 215 -15.57 -22.43 -9.43
N GLY A 216 -14.68 -22.32 -10.41
CA GLY A 216 -14.93 -21.55 -11.65
C GLY A 216 -15.02 -20.06 -11.40
N ALA A 217 -14.19 -19.53 -10.49
CA ALA A 217 -14.18 -18.09 -10.21
C ALA A 217 -13.04 -17.39 -10.94
N TYR A 218 -13.25 -16.11 -11.29
CA TYR A 218 -12.13 -15.24 -11.61
C TYR A 218 -11.27 -15.02 -10.35
N LEU A 219 -10.01 -14.70 -10.59
CA LEU A 219 -9.03 -14.47 -9.51
C LEU A 219 -8.28 -13.16 -9.71
N LEU A 220 -8.49 -12.25 -8.74
CA LEU A 220 -7.78 -10.98 -8.66
C LEU A 220 -6.82 -11.02 -7.47
N ALA A 221 -5.58 -10.61 -7.71
CA ALA A 221 -4.63 -10.31 -6.67
C ALA A 221 -4.47 -8.78 -6.60
N ASP A 222 -4.80 -8.21 -5.45
CA ASP A 222 -4.61 -6.80 -5.11
C ASP A 222 -3.39 -6.69 -4.23
N ILE A 223 -2.27 -6.40 -4.87
CA ILE A 223 -0.95 -6.43 -4.20
C ILE A 223 -0.49 -5.01 -3.82
N ALA A 224 -1.44 -4.06 -3.68
CA ALA A 224 -1.07 -2.70 -3.36
C ALA A 224 0.04 -2.59 -2.30
N HIS A 225 -0.17 -3.27 -1.17
CA HIS A 225 0.79 -3.12 -0.08
C HIS A 225 2.18 -3.71 -0.39
N ILE A 226 2.18 -4.85 -1.09
CA ILE A 226 3.39 -5.64 -1.23
C ILE A 226 4.03 -5.46 -2.62
N ALA A 227 3.55 -4.53 -3.45
CA ALA A 227 3.98 -4.44 -4.83
C ALA A 227 5.48 -4.28 -4.95
N GLY A 228 6.11 -3.48 -4.10
CA GLY A 228 7.56 -3.32 -4.23
C GLY A 228 8.33 -4.61 -3.88
N LEU A 229 7.76 -5.37 -2.97
CA LEU A 229 8.36 -6.70 -2.57
C LEU A 229 8.20 -7.70 -3.71
N VAL A 230 7.04 -7.70 -4.38
CA VAL A 230 6.86 -8.47 -5.59
C VAL A 230 7.90 -8.04 -6.65
N ALA A 231 8.00 -6.72 -6.89
CA ALA A 231 8.83 -6.21 -7.92
C ALA A 231 10.32 -6.59 -7.71
N SER A 232 10.73 -6.72 -6.46
CA SER A 232 12.12 -6.94 -6.09
C SER A 232 12.43 -8.45 -5.94
N GLY A 233 11.42 -9.31 -6.06
CA GLY A 233 11.62 -10.77 -5.93
C GLY A 233 11.60 -11.21 -4.47
N HIS A 234 11.16 -10.35 -3.53
CA HIS A 234 11.09 -10.71 -2.11
C HIS A 234 9.70 -11.20 -1.68
N HIS A 235 8.78 -11.30 -2.62
CA HIS A 235 7.48 -11.92 -2.43
C HIS A 235 7.13 -12.59 -3.75
N PRO A 236 6.50 -13.76 -3.74
CA PRO A 236 6.06 -14.38 -4.98
C PRO A 236 5.16 -13.46 -5.82
N ASN A 237 5.30 -13.59 -7.16
CA ASN A 237 4.62 -12.74 -8.12
C ASN A 237 3.29 -13.38 -8.48
N PRO A 238 2.14 -12.69 -8.30
CA PRO A 238 0.85 -13.24 -8.69
C PRO A 238 0.57 -13.23 -10.19
N VAL A 239 1.34 -12.46 -10.96
CA VAL A 239 0.97 -12.22 -12.37
C VAL A 239 0.82 -13.49 -13.19
N PRO A 240 1.77 -14.47 -13.14
CA PRO A 240 1.59 -15.67 -13.98
C PRO A 240 0.38 -16.56 -13.61
N HIS A 241 -0.14 -16.40 -12.40
CA HIS A 241 -1.16 -17.30 -11.83
C HIS A 241 -2.57 -16.70 -11.83
N CYS A 242 -2.69 -15.38 -11.62
CA CYS A 242 -3.99 -14.76 -11.44
C CYS A 242 -4.55 -14.26 -12.79
N ASP A 243 -5.87 -14.06 -12.85
CA ASP A 243 -6.47 -13.47 -14.06
C ASP A 243 -6.06 -12.02 -14.24
N VAL A 244 -5.87 -11.34 -13.12
CA VAL A 244 -5.57 -9.90 -13.09
C VAL A 244 -4.94 -9.56 -11.74
N VAL A 245 -4.07 -8.56 -11.75
CA VAL A 245 -3.37 -8.05 -10.60
C VAL A 245 -3.57 -6.52 -10.60
N THR A 246 -4.06 -6.01 -9.46
CA THR A 246 -4.11 -4.56 -9.25
C THR A 246 -3.06 -4.17 -8.21
N THR A 247 -2.65 -2.92 -8.26
CA THR A 247 -1.86 -2.35 -7.24
C THR A 247 -1.98 -0.81 -7.27
N THR A 248 -1.55 -0.21 -6.18
CA THR A 248 -1.17 1.15 -6.11
C THR A 248 0.32 1.29 -6.43
N THR A 249 0.73 2.52 -6.76
CA THR A 249 2.09 2.84 -7.08
C THR A 249 2.84 3.47 -5.90
N HIS A 250 2.17 3.79 -4.80
CA HIS A 250 2.74 4.63 -3.74
C HIS A 250 3.10 3.96 -2.39
N LYS A 251 2.93 2.71 -2.26
CA LYS A 251 3.27 2.06 -0.91
C LYS A 251 4.70 1.51 -1.00
N THR A 252 4.86 0.18 -0.96
CA THR A 252 6.23 -0.33 -1.08
C THR A 252 6.86 -0.09 -2.45
N LEU A 253 6.04 0.25 -3.50
CA LEU A 253 6.63 0.57 -4.74
C LEU A 253 7.24 2.00 -4.77
N ARG A 254 6.92 2.80 -3.77
CA ARG A 254 7.58 4.10 -3.51
C ARG A 254 7.43 5.10 -4.66
N GLY A 255 6.33 5.01 -5.37
CA GLY A 255 6.03 5.91 -6.50
C GLY A 255 5.05 7.00 -6.09
N PRO A 256 4.49 7.70 -7.13
CA PRO A 256 3.41 8.66 -6.86
C PRO A 256 2.15 7.91 -6.49
N ARG A 257 1.17 8.66 -5.99
CA ARG A 257 -0.12 8.06 -5.64
C ARG A 257 -0.90 7.78 -6.93
N GLY A 258 -1.35 6.56 -7.10
CA GLY A 258 -2.08 6.13 -8.25
C GLY A 258 -2.27 4.63 -8.28
N GLY A 259 -2.94 4.15 -9.32
CA GLY A 259 -3.19 2.73 -9.48
C GLY A 259 -2.62 2.18 -10.78
N LEU A 260 -2.74 0.85 -10.90
CA LEU A 260 -2.11 0.08 -11.96
C LEU A 260 -2.91 -1.22 -12.09
N ILE A 261 -3.18 -1.63 -13.33
CA ILE A 261 -3.79 -2.91 -13.65
C ILE A 261 -2.80 -3.71 -14.52
N LEU A 262 -2.50 -4.94 -14.05
CA LEU A 262 -1.59 -5.84 -14.77
C LEU A 262 -2.36 -7.11 -15.13
N THR A 263 -2.05 -7.73 -16.26
CA THR A 263 -2.58 -9.08 -16.48
C THR A 263 -1.66 -9.86 -17.40
N ARG A 264 -1.60 -11.17 -17.12
CA ARG A 264 -0.91 -12.13 -17.98
C ARG A 264 -1.63 -12.34 -19.33
N ASP A 265 -2.90 -11.89 -19.44
CA ASP A 265 -3.73 -12.18 -20.61
C ASP A 265 -3.94 -10.89 -21.40
N PRO A 266 -3.23 -10.68 -22.51
CA PRO A 266 -3.27 -9.41 -23.22
C PRO A 266 -4.65 -9.09 -23.84
N GLU A 267 -5.45 -10.09 -24.24
CA GLU A 267 -6.86 -9.83 -24.69
C GLU A 267 -7.68 -9.33 -23.52
N LEU A 268 -7.53 -9.95 -22.35
CA LEU A 268 -8.24 -9.47 -21.16
C LEU A 268 -7.80 -8.02 -20.84
N GLY A 269 -6.49 -7.74 -21.00
CA GLY A 269 -5.93 -6.46 -20.78
C GLY A 269 -6.64 -5.41 -21.63
N LYS A 270 -7.00 -5.78 -22.86
CA LYS A 270 -7.76 -4.83 -23.75
C LYS A 270 -9.12 -4.51 -23.14
N LYS A 271 -9.76 -5.51 -22.51
CA LYS A 271 -11.06 -5.30 -21.86
C LYS A 271 -10.90 -4.39 -20.63
N PHE A 272 -9.84 -4.61 -19.84
CA PHE A 272 -9.59 -3.74 -18.68
C PHE A 272 -9.34 -2.32 -19.16
N ASN A 273 -8.65 -2.16 -20.29
CA ASN A 273 -8.38 -0.80 -20.80
C ASN A 273 -9.73 -0.07 -21.03
N LYS A 274 -10.71 -0.75 -21.65
CA LYS A 274 -12.01 -0.17 -21.96
C LYS A 274 -12.73 0.18 -20.66
N SER A 275 -12.54 -0.61 -19.62
CA SER A 275 -13.19 -0.38 -18.34
C SER A 275 -12.57 0.82 -17.61
N VAL A 276 -11.26 1.09 -17.82
CA VAL A 276 -10.65 2.28 -17.23
C VAL A 276 -11.21 3.48 -18.01
N PHE A 277 -11.03 3.49 -19.31
CA PHE A 277 -11.61 4.57 -20.18
C PHE A 277 -12.19 3.92 -21.42
N PRO A 278 -13.49 4.13 -21.69
CA PRO A 278 -14.37 5.11 -21.06
C PRO A 278 -15.25 4.59 -19.89
N GLY A 279 -14.93 3.38 -19.37
CA GLY A 279 -15.81 2.73 -18.45
C GLY A 279 -15.95 3.46 -17.11
N THR A 280 -14.84 3.94 -16.56
CA THR A 280 -14.88 4.47 -15.19
C THR A 280 -14.19 5.83 -15.03
N GLN A 281 -13.24 6.18 -15.88
CA GLN A 281 -12.53 7.44 -15.80
C GLN A 281 -12.66 8.20 -17.11
N GLY A 282 -12.32 9.49 -17.03
CA GLY A 282 -12.12 10.33 -18.18
C GLY A 282 -10.64 10.44 -18.51
N GLY A 283 -10.14 11.66 -18.49
CA GLY A 283 -8.76 11.87 -18.81
C GLY A 283 -7.84 11.33 -17.72
N PRO A 284 -6.71 10.74 -18.15
CA PRO A 284 -5.68 10.28 -17.20
C PRO A 284 -4.82 11.44 -16.70
N LEU A 285 -4.18 11.24 -15.54
CA LEU A 285 -3.27 12.23 -14.97
C LEU A 285 -1.86 11.99 -15.52
N GLU A 286 -1.50 12.65 -16.61
CA GLU A 286 -0.30 12.27 -17.33
C GLU A 286 0.95 12.69 -16.56
N HIS A 287 0.90 13.70 -15.73
CA HIS A 287 2.00 14.07 -14.89
C HIS A 287 2.28 12.95 -13.86
N VAL A 288 1.20 12.38 -13.32
CA VAL A 288 1.32 11.27 -12.37
C VAL A 288 1.87 10.07 -13.11
N ILE A 289 1.41 9.83 -14.33
CA ILE A 289 1.86 8.69 -15.13
C ILE A 289 3.37 8.81 -15.42
N ALA A 290 3.87 10.02 -15.69
CA ALA A 290 5.30 10.24 -15.82
C ALA A 290 6.00 9.81 -14.53
N GLY A 291 5.40 10.13 -13.40
CA GLY A 291 5.97 9.75 -12.10
C GLY A 291 5.95 8.23 -11.92
N LYS A 292 4.91 7.58 -12.39
CA LYS A 292 4.87 6.11 -12.38
C LYS A 292 6.04 5.54 -13.19
N ALA A 293 6.26 6.04 -14.41
CA ALA A 293 7.41 5.62 -15.23
C ALA A 293 8.70 5.76 -14.41
N VAL A 294 8.90 6.90 -13.76
CA VAL A 294 10.11 7.16 -13.03
C VAL A 294 10.26 6.15 -11.90
N ALA A 295 9.17 5.95 -11.17
CA ALA A 295 9.18 5.02 -10.01
C ALA A 295 9.44 3.60 -10.50
N PHE A 296 8.87 3.23 -11.63
CA PHE A 296 9.15 1.87 -12.14
C PHE A 296 10.63 1.76 -12.55
N GLY A 297 11.18 2.79 -13.16
CA GLY A 297 12.56 2.78 -13.54
C GLY A 297 13.45 2.64 -12.30
N GLU A 298 13.14 3.32 -11.22
CA GLU A 298 13.90 3.22 -9.97
C GLU A 298 13.82 1.79 -9.42
N ALA A 299 12.65 1.16 -9.51
CA ALA A 299 12.47 -0.17 -8.93
C ALA A 299 13.17 -1.25 -9.76
N LEU A 300 13.53 -0.94 -11.00
CA LEU A 300 14.29 -1.87 -11.85
C LEU A 300 15.78 -1.89 -11.46
N LYS A 301 16.24 -0.98 -10.64
CA LYS A 301 17.63 -0.88 -10.31
C LYS A 301 17.95 -1.87 -9.18
N PRO A 302 19.19 -2.43 -9.14
CA PRO A 302 19.62 -3.27 -8.02
C PRO A 302 19.46 -2.65 -6.63
N GLU A 303 19.65 -1.35 -6.53
CA GLU A 303 19.47 -0.60 -5.26
C GLU A 303 18.08 -0.89 -4.67
N PHE A 304 17.05 -0.99 -5.54
CA PHE A 304 15.70 -1.17 -5.06
C PHE A 304 15.50 -2.56 -4.48
N LYS A 305 16.18 -3.55 -5.05
CA LYS A 305 16.17 -4.95 -4.52
CA LYS A 305 16.09 -4.94 -4.48
C LYS A 305 16.72 -4.93 -3.08
N ALA A 306 17.84 -4.21 -2.89
CA ALA A 306 18.49 -4.09 -1.59
C ALA A 306 17.56 -3.36 -0.61
N TYR A 307 16.96 -2.26 -1.07
CA TYR A 307 15.99 -1.52 -0.26
C TYR A 307 14.86 -2.45 0.23
N SER A 308 14.30 -3.25 -0.69
CA SER A 308 13.14 -4.06 -0.38
C SER A 308 13.52 -5.17 0.63
N GLY A 309 14.72 -5.72 0.46
CA GLY A 309 15.27 -6.67 1.50
C GLY A 309 15.39 -6.03 2.85
N GLN A 310 15.85 -4.77 2.86
CA GLN A 310 16.03 -4.04 4.09
C GLN A 310 14.67 -3.74 4.73
N VAL A 311 13.67 -3.42 3.87
CA VAL A 311 12.34 -3.18 4.39
C VAL A 311 11.85 -4.37 5.22
N ILE A 312 12.03 -5.58 4.68
CA ILE A 312 11.55 -6.77 5.42
C ILE A 312 12.40 -7.03 6.66
N ALA A 313 13.73 -6.90 6.53
CA ALA A 313 14.64 -7.11 7.71
C ALA A 313 14.27 -6.14 8.83
N ASN A 314 13.95 -4.87 8.44
CA ASN A 314 13.62 -3.86 9.40
C ASN A 314 12.28 -4.15 10.09
N ALA A 315 11.28 -4.56 9.29
CA ALA A 315 9.97 -4.89 9.88
C ALA A 315 10.14 -6.05 10.87
N GLN A 316 10.91 -7.06 10.45
CA GLN A 316 11.13 -8.25 11.32
C GLN A 316 11.85 -7.84 12.61
N ALA A 317 12.82 -6.92 12.52
CA ALA A 317 13.55 -6.44 13.68
C ALA A 317 12.62 -5.73 14.67
N MET A 318 11.74 -4.87 14.12
CA MET A 318 10.81 -4.16 14.97
C MET A 318 9.83 -5.16 15.61
N ALA A 319 9.29 -6.09 14.82
CA ALA A 319 8.37 -7.09 15.37
C ALA A 319 9.03 -7.94 16.48
N GLN A 320 10.28 -8.35 16.25
CA GLN A 320 11.02 -9.22 17.22
C GLN A 320 11.25 -8.45 18.52
N GLN A 321 11.62 -7.15 18.41
CA GLN A 321 11.93 -6.41 19.60
C GLN A 321 10.63 -6.14 20.39
N LEU A 322 9.53 -5.85 19.67
CA LEU A 322 8.26 -5.71 20.35
C LEU A 322 7.92 -7.01 21.10
N GLN A 323 8.19 -8.17 20.48
CA GLN A 323 7.92 -9.44 21.16
C GLN A 323 8.80 -9.57 22.41
N ASN A 324 10.06 -9.11 22.30
CA ASN A 324 11.00 -9.12 23.42
C ASN A 324 10.45 -8.24 24.55
N ARG A 325 9.66 -7.22 24.20
CA ARG A 325 9.08 -6.30 25.18
C ARG A 325 7.67 -6.75 25.62
N GLY A 326 7.28 -7.97 25.26
CA GLY A 326 6.07 -8.58 25.79
C GLY A 326 4.85 -8.38 24.90
N PHE A 327 5.00 -7.81 23.71
CA PHE A 327 3.84 -7.61 22.85
C PHE A 327 3.55 -8.84 21.98
N LYS A 328 2.25 -9.07 21.72
CA LYS A 328 1.77 -10.07 20.76
C LYS A 328 1.78 -9.42 19.38
N ILE A 329 2.43 -10.08 18.40
CA ILE A 329 2.38 -9.74 16.99
C ILE A 329 1.47 -10.75 16.30
N VAL A 330 0.45 -10.26 15.57
CA VAL A 330 -0.51 -11.14 14.97
C VAL A 330 0.25 -12.06 14.02
N SER A 331 0.01 -13.38 14.16
CA SER A 331 0.64 -14.45 13.33
C SER A 331 2.02 -14.87 13.86
N GLY A 332 2.55 -14.13 14.82
CA GLY A 332 3.81 -14.41 15.50
C GLY A 332 5.02 -13.78 14.86
N GLY A 333 4.81 -12.85 13.91
CA GLY A 333 5.89 -12.25 13.21
C GLY A 333 5.42 -11.73 11.86
N THR A 334 6.36 -11.47 10.97
CA THR A 334 6.06 -10.94 9.62
C THR A 334 7.06 -11.47 8.58
N ASP A 335 6.56 -11.69 7.35
CA ASP A 335 7.26 -12.04 6.12
CA ASP A 335 7.46 -11.94 6.24
C ASP A 335 7.44 -10.81 5.23
N ASN A 336 6.85 -9.66 5.60
CA ASN A 336 6.80 -8.53 4.68
C ASN A 336 7.17 -7.23 5.40
N HIS A 337 6.52 -6.11 4.97
CA HIS A 337 6.87 -4.79 5.46
C HIS A 337 6.05 -4.36 6.70
N LEU A 338 5.04 -5.15 7.08
CA LEU A 338 4.13 -4.67 8.11
C LEU A 338 3.94 -5.68 9.23
N MET A 339 3.28 -5.19 10.27
CA MET A 339 2.88 -6.06 11.39
C MET A 339 1.68 -5.45 12.09
N LEU A 340 0.88 -6.27 12.75
CA LEU A 340 -0.16 -5.82 13.66
C LEU A 340 0.28 -6.19 15.08
N VAL A 341 0.30 -5.16 15.92
CA VAL A 341 0.52 -5.28 17.32
C VAL A 341 -0.81 -5.42 18.03
N ASP A 342 -0.98 -6.54 18.69
CA ASP A 342 -2.13 -6.78 19.58
C ASP A 342 -1.84 -6.10 20.92
N LEU A 343 -2.77 -5.28 21.40
CA LEU A 343 -2.46 -4.40 22.53
C LEU A 343 -3.03 -4.91 23.85
N ARG A 344 -3.47 -6.19 23.96
CA ARG A 344 -4.00 -6.72 25.26
C ARG A 344 -2.93 -6.62 26.35
N SER A 345 -1.68 -6.98 26.02
CA SER A 345 -0.59 -6.97 27.00
C SER A 345 -0.50 -5.62 27.71
N VAL A 346 -1.02 -4.54 27.13
CA VAL A 346 -0.88 -3.23 27.77
C VAL A 346 -2.25 -2.61 28.10
N ASN A 347 -3.34 -3.38 27.91
CA ASN A 347 -4.69 -2.96 28.30
C ASN A 347 -5.05 -1.64 27.57
N LEU A 348 -4.71 -1.52 26.29
CA LEU A 348 -5.09 -0.34 25.48
C LEU A 348 -5.87 -0.79 24.25
N THR A 349 -6.74 0.11 23.76
CA THR A 349 -7.38 0.02 22.46
C THR A 349 -6.42 0.58 21.41
N GLY A 350 -6.58 0.16 20.14
CA GLY A 350 -5.86 0.74 19.04
C GLY A 350 -5.99 2.26 19.00
N LYS A 351 -7.21 2.77 19.23
CA LYS A 351 -7.45 4.19 19.19
C LYS A 351 -6.57 4.89 20.23
N GLN A 352 -6.53 4.34 21.44
CA GLN A 352 -5.69 4.88 22.49
C GLN A 352 -4.20 4.76 22.17
N ALA A 353 -3.77 3.58 21.71
CA ALA A 353 -2.34 3.40 21.37
C ALA A 353 -1.93 4.37 20.25
N ASP A 354 -2.81 4.56 19.25
CA ASP A 354 -2.50 5.43 18.14
C ASP A 354 -2.25 6.85 18.69
N GLN A 355 -3.13 7.30 19.58
CA GLN A 355 -3.00 8.61 20.17
C GLN A 355 -1.70 8.72 20.98
N LEU A 356 -1.46 7.72 21.79
CA LEU A 356 -0.30 7.75 22.66
C LEU A 356 0.99 7.82 21.84
N VAL A 357 1.09 7.09 20.73
CA VAL A 357 2.32 7.21 19.92
C VAL A 357 2.39 8.55 19.15
N SER A 358 1.24 9.09 18.71
CA SER A 358 1.21 10.45 18.09
C SER A 358 1.77 11.45 19.07
N ASP A 359 1.46 11.27 20.37
CA ASP A 359 1.87 12.21 21.37
C ASP A 359 3.40 12.26 21.48
N VAL A 360 4.12 11.23 20.98
CA VAL A 360 5.60 11.23 21.01
C VAL A 360 6.18 11.26 19.59
N ASN A 361 5.42 11.83 18.65
CA ASN A 361 5.89 12.12 17.31
C ASN A 361 6.12 10.85 16.47
N ILE A 362 5.28 9.84 16.70
CA ILE A 362 5.23 8.65 15.91
C ILE A 362 3.86 8.56 15.26
N THR A 363 3.88 8.39 13.96
CA THR A 363 2.73 8.37 13.14
C THR A 363 2.46 6.94 12.71
N ALA A 364 1.29 6.46 13.11
CA ALA A 364 0.85 5.10 12.76
C ALA A 364 -0.65 5.18 12.51
N ASN A 365 -1.30 4.04 12.53
CA ASN A 365 -2.75 4.01 12.52
C ASN A 365 -3.22 2.75 13.29
N LYS A 366 -4.42 2.85 13.87
CA LYS A 366 -5.06 1.74 14.55
C LYS A 366 -5.56 0.75 13.50
N ASN A 367 -5.82 -0.46 13.94
CA ASN A 367 -6.27 -1.54 13.05
C ASN A 367 -6.91 -2.65 13.89
N THR A 368 -8.07 -3.18 13.46
CA THR A 368 -8.65 -4.37 14.10
C THR A 368 -7.67 -5.53 13.94
N VAL A 369 -7.62 -6.40 14.95
CA VAL A 369 -6.90 -7.68 14.87
C VAL A 369 -7.91 -8.74 14.46
N PRO A 370 -7.45 -9.92 14.01
CA PRO A 370 -8.37 -11.02 13.75
C PRO A 370 -9.13 -11.35 15.04
N PHE A 371 -10.46 -11.41 14.94
CA PHE A 371 -11.29 -11.84 16.04
C PHE A 371 -11.27 -10.77 17.13
N ASP A 372 -11.15 -9.52 16.71
CA ASP A 372 -11.09 -8.40 17.62
C ASP A 372 -12.37 -8.33 18.43
N PRO A 373 -12.31 -8.23 19.77
CA PRO A 373 -13.52 -7.96 20.54
C PRO A 373 -14.10 -6.54 20.37
N GLU A 374 -13.30 -5.58 19.90
CA GLU A 374 -13.73 -4.17 19.79
C GLU A 374 -14.22 -3.87 18.37
N SER A 375 -14.96 -2.76 18.26
CA SER A 375 -15.46 -2.28 17.00
C SER A 375 -14.30 -1.78 16.15
N PRO A 376 -14.50 -1.62 14.82
CA PRO A 376 -13.47 -1.05 13.96
C PRO A 376 -13.14 0.43 14.24
N PHE A 377 -13.98 1.14 15.00
CA PHE A 377 -13.75 2.56 15.32
C PHE A 377 -12.91 2.67 16.59
N VAL A 378 -12.66 1.52 17.24
CA VAL A 378 -11.91 1.39 18.50
C VAL A 378 -10.67 0.51 18.26
N THR A 379 -10.91 -0.78 17.98
CA THR A 379 -9.88 -1.81 17.64
C THR A 379 -9.04 -2.21 18.86
N SER A 380 -8.31 -3.32 18.68
CA SER A 380 -7.36 -3.85 19.67
C SER A 380 -5.92 -3.86 19.13
N GLY A 381 -5.68 -3.18 17.99
CA GLY A 381 -4.42 -3.32 17.30
C GLY A 381 -3.82 -2.01 16.84
N LEU A 382 -2.48 -2.05 16.69
CA LEU A 382 -1.75 -0.97 16.03
C LEU A 382 -1.01 -1.55 14.82
N ARG A 383 -1.18 -0.97 13.65
CA ARG A 383 -0.49 -1.42 12.49
C ARG A 383 0.77 -0.57 12.34
N LEU A 384 1.91 -1.24 12.09
CA LEU A 384 3.19 -0.56 11.88
C LEU A 384 3.86 -1.14 10.65
N GLY A 385 4.61 -0.28 9.94
CA GLY A 385 5.36 -0.71 8.80
C GLY A 385 6.69 0.01 8.69
N SER A 386 7.61 -0.64 7.97
CA SER A 386 8.97 -0.15 7.80
C SER A 386 9.26 0.63 6.53
N PRO A 387 8.43 0.69 5.45
CA PRO A 387 8.93 1.25 4.21
C PRO A 387 9.45 2.69 4.31
N ALA A 388 8.69 3.56 4.96
CA ALA A 388 9.05 4.99 4.92
C ALA A 388 10.38 5.28 5.64
N MET A 389 10.55 4.71 6.86
CA MET A 389 11.75 5.00 7.57
C MET A 389 12.93 4.20 6.97
N THR A 390 12.67 3.09 6.30
CA THR A 390 13.74 2.39 5.59
C THR A 390 14.28 3.27 4.44
N THR A 391 13.35 4.03 3.79
CA THR A 391 13.75 4.93 2.72
C THR A 391 14.72 6.00 3.27
N ARG A 392 14.53 6.43 4.52
CA ARG A 392 15.40 7.44 5.15
C ARG A 392 16.77 6.88 5.57
N GLY A 393 16.90 5.54 5.50
CA GLY A 393 18.26 4.95 5.73
C GLY A 393 18.40 4.09 6.98
N LEU A 394 17.32 3.96 7.75
CA LEU A 394 17.39 3.21 9.00
C LEU A 394 17.70 1.75 8.69
N GLY A 395 18.44 1.16 9.66
CA GLY A 395 18.73 -0.27 9.63
C GLY A 395 18.02 -1.02 10.74
N THR A 396 18.40 -2.29 10.93
CA THR A 396 17.68 -3.14 11.84
C THR A 396 17.80 -2.65 13.28
N GLU A 397 19.00 -2.24 13.70
CA GLU A 397 19.16 -1.80 15.10
C GLU A 397 18.36 -0.52 15.34
N ASP A 398 18.23 0.28 14.30
CA ASP A 398 17.40 1.52 14.41
C ASP A 398 15.94 1.15 14.59
N PHE A 399 15.47 0.11 13.90
CA PHE A 399 14.13 -0.36 14.09
C PHE A 399 13.91 -1.05 15.44
N ALA A 400 14.94 -1.72 15.99
CA ALA A 400 14.84 -2.21 17.33
C ALA A 400 14.64 -1.05 18.33
N GLU A 401 15.37 0.06 18.11
CA GLU A 401 15.21 1.26 18.92
C GLU A 401 13.77 1.79 18.76
N ILE A 402 13.22 1.82 17.54
CA ILE A 402 11.83 2.26 17.40
C ILE A 402 10.88 1.39 18.22
N ALA A 403 11.04 0.07 18.11
CA ALA A 403 10.25 -0.84 18.94
C ALA A 403 10.33 -0.48 20.43
N ASN A 404 11.55 -0.19 20.94
CA ASN A 404 11.74 0.13 22.35
C ASN A 404 11.01 1.43 22.71
N ILE A 405 11.08 2.44 21.81
CA ILE A 405 10.38 3.72 22.09
C ILE A 405 8.87 3.47 22.19
N ILE A 406 8.30 2.74 21.22
CA ILE A 406 6.86 2.42 21.25
C ILE A 406 6.48 1.61 22.50
N ALA A 407 7.28 0.60 22.81
CA ALA A 407 7.04 -0.23 24.02
C ALA A 407 7.05 0.63 25.28
N ASP A 408 8.04 1.51 25.39
CA ASP A 408 8.18 2.35 26.56
C ASP A 408 6.90 3.17 26.76
N ARG A 409 6.46 3.80 25.67
CA ARG A 409 5.29 4.70 25.71
C ARG A 409 4.01 3.94 26.04
N LEU A 410 3.80 2.78 25.43
CA LEU A 410 2.55 2.04 25.62
C LEU A 410 2.51 1.37 26.99
N GLN A 411 3.67 0.96 27.51
CA GLN A 411 3.78 0.32 28.86
C GLN A 411 3.62 1.33 29.99
N ASN A 412 3.89 2.61 29.75
CA ASN A 412 3.92 3.66 30.78
C ASN A 412 3.14 4.89 30.28
N PRO A 413 1.86 4.73 29.91
CA PRO A 413 1.14 5.79 29.22
C PRO A 413 0.90 7.05 30.05
N GLU A 414 0.95 6.96 31.39
CA GLU A 414 0.74 8.10 32.30
C GLU A 414 2.08 8.76 32.71
N ASP A 415 3.22 8.21 32.27
CA ASP A 415 4.51 8.64 32.78
C ASP A 415 5.10 9.74 31.89
N GLU A 416 5.19 10.94 32.44
CA GLU A 416 5.65 12.12 31.70
C GLU A 416 7.15 12.03 31.37
N GLN A 417 7.93 11.40 32.23
CA GLN A 417 9.36 11.35 31.96
C GLN A 417 9.63 10.37 30.80
N VAL A 418 8.89 9.25 30.75
CA VAL A 418 8.95 8.32 29.64
C VAL A 418 8.50 9.04 28.36
N LYS A 419 7.41 9.78 28.45
CA LYS A 419 6.95 10.56 27.29
C LYS A 419 8.10 11.41 26.69
N GLN A 420 8.76 12.21 27.51
CA GLN A 420 9.81 13.09 26.99
C GLN A 420 11.01 12.29 26.49
N ALA A 421 11.32 11.15 27.15
CA ALA A 421 12.43 10.30 26.65
C ALA A 421 12.11 9.82 25.22
N CYS A 422 10.85 9.42 25.01
CA CYS A 422 10.39 8.96 23.71
C CYS A 422 10.53 10.08 22.66
N VAL A 423 10.04 11.27 23.01
CA VAL A 423 10.12 12.44 22.11
C VAL A 423 11.59 12.70 21.75
N GLN A 424 12.50 12.59 22.72
CA GLN A 424 13.92 12.90 22.48
CA GLN A 424 13.94 12.89 22.49
C GLN A 424 14.57 11.81 21.59
N ARG A 425 14.16 10.55 21.82
CA ARG A 425 14.69 9.42 21.04
C ARG A 425 14.19 9.44 19.58
N VAL A 426 12.94 9.92 19.39
CA VAL A 426 12.44 10.14 18.06
C VAL A 426 13.26 11.24 17.37
N ALA A 427 13.48 12.34 18.08
CA ALA A 427 14.25 13.46 17.52
C ALA A 427 15.64 13.02 17.06
N ALA A 428 16.29 12.17 17.89
CA ALA A 428 17.61 11.68 17.53
C ALA A 428 17.57 10.86 16.22
N LEU A 429 16.59 9.97 16.09
CA LEU A 429 16.46 9.19 14.85
C LEU A 429 16.29 10.12 13.64
N CYS A 430 15.40 11.12 13.80
CA CYS A 430 15.12 12.02 12.67
C CYS A 430 16.35 12.85 12.29
N GLU A 431 17.16 13.25 13.29
CA GLU A 431 18.38 14.03 13.03
C GLU A 431 19.44 13.18 12.30
N ARG A 432 19.51 11.91 12.70
CA ARG A 432 20.49 10.99 12.10
C ARG A 432 20.21 10.69 10.62
N PHE A 433 18.92 10.70 10.23
CA PHE A 433 18.50 10.27 8.96
C PHE A 433 17.67 11.35 8.27
N PRO A 434 18.34 12.39 7.74
CA PRO A 434 17.61 13.51 7.15
C PRO A 434 16.71 13.05 5.99
N LEU A 435 15.63 13.82 5.78
CA LEU A 435 14.69 13.56 4.71
C LEU A 435 14.71 14.75 3.74
N TYR A 436 14.87 14.46 2.45
CA TYR A 436 14.96 15.46 1.39
C TYR A 436 15.81 16.65 1.78
N PRO A 437 17.07 16.43 2.16
CA PRO A 437 17.88 17.54 2.68
C PRO A 437 18.12 18.71 1.72
N HIS A 438 17.95 18.52 0.40
CA HIS A 438 18.08 19.65 -0.56
C HIS A 438 16.87 20.61 -0.54
N LEU A 439 15.80 20.28 0.15
CA LEU A 439 14.62 21.17 0.04
C LEU A 439 14.41 22.15 1.20
N ASN A 440 13.95 23.37 0.86
CA ASN A 440 13.18 24.19 1.82
C ASN A 440 12.22 25.13 1.07
#